data_7HTQ
#
_entry.id   7HTQ
#
_cell.length_a   99.052
_cell.length_b   99.049
_cell.length_c   128.508
_cell.angle_alpha   90.00
_cell.angle_beta   90.00
_cell.angle_gamma   90.00
#
_symmetry.space_group_name_H-M   'I 2 2 2'
#
loop_
_entity.id
_entity.type
_entity.pdbx_description
1 polymer 'Oleoyl-acyl carrier protein thioesterase 1, chloroplastic'
2 non-polymer 4-amino-N,N-diethylbenzamide
3 non-polymer 'SULFATE ION'
4 water water
#
_entity_poly.entity_id   1
_entity_poly.type   'polypeptide(L)'
_entity_poly.pdbx_seq_one_letter_code
;MGSLTEDGLSYKEKFVVRSYEVGSNKTATVETIANLLQEVGCNHAQSVGFSTDGFATTTTMRKLHLIWVTARMHIEIYKY
PAWGDVVEIETWCQSEGRIGTRRDWILKDSVTGEVTGRATSKWVMMNQDTRRLQKVSDDVRDEYLVFCPQEPRLAFPEEN
NRSLKKIPKLEDPAQYSMIGLKPRRADLDMNQHVNNVTYIGWVLESIPQEIVDTHELQVITLDYRRECQQDDVVDSLTTT
TSEIGGTNGSATSGTQGHNDSQFLHLLRLSGDGQEINRGTTLWRKKPSSHHHHHH
;
_entity_poly.pdbx_strand_id   A,B
#
loop_
_chem_comp.id
_chem_comp.type
_chem_comp.name
_chem_comp.formula
A1ANC non-polymer 4-amino-N,N-diethylbenzamide 'C11 H16 N2 O'
SO4 non-polymer 'SULFATE ION' 'O4 S -2'
#
# COMPACT_ATOMS: atom_id res chain seq x y z
N GLY A 2 0.56 -16.01 -12.18
CA GLY A 2 2.01 -16.06 -12.39
C GLY A 2 2.50 -17.48 -12.60
N SER A 3 3.65 -17.63 -13.24
CA SER A 3 4.20 -18.95 -13.50
C SER A 3 5.67 -18.84 -13.86
N LEU A 4 6.42 -19.92 -13.59
CA LEU A 4 7.79 -20.05 -14.10
C LEU A 4 7.65 -20.13 -15.66
N THR A 5 8.65 -19.65 -16.39
CA THR A 5 8.68 -19.71 -17.84
C THR A 5 9.02 -21.15 -18.30
N GLU A 6 8.96 -21.40 -19.63
CA GLU A 6 9.23 -22.71 -20.20
C GLU A 6 10.52 -23.39 -19.68
N ASP A 7 11.65 -22.69 -19.65
CA ASP A 7 12.91 -23.30 -19.19
C ASP A 7 13.06 -23.39 -17.65
N GLY A 8 12.09 -22.86 -16.92
CA GLY A 8 12.06 -22.89 -15.45
C GLY A 8 13.08 -22.00 -14.76
N LEU A 9 13.78 -21.11 -15.52
CA LEU A 9 14.82 -20.24 -14.94
C LEU A 9 14.42 -18.77 -14.74
N SER A 10 13.16 -18.46 -14.95
CA SER A 10 12.63 -17.11 -14.69
C SER A 10 11.14 -17.23 -14.40
N TYR A 11 10.51 -16.14 -13.95
CA TYR A 11 9.12 -16.16 -13.52
C TYR A 11 8.42 -14.94 -14.06
N LYS A 12 7.18 -15.08 -14.53
CA LYS A 12 6.40 -13.98 -15.09
C LYS A 12 5.06 -13.87 -14.40
N GLU A 13 4.60 -12.64 -14.20
CA GLU A 13 3.31 -12.41 -13.57
C GLU A 13 2.72 -11.11 -14.08
N LYS A 14 1.39 -11.09 -14.28
CA LYS A 14 0.68 -9.89 -14.75
C LYS A 14 -0.06 -9.23 -13.58
N PHE A 15 -0.12 -7.89 -13.58
CA PHE A 15 -0.81 -7.10 -12.57
C PHE A 15 -1.68 -6.04 -13.24
N VAL A 16 -2.88 -5.78 -12.69
CA VAL A 16 -3.72 -4.70 -13.22
C VAL A 16 -3.57 -3.54 -12.26
N VAL A 17 -3.11 -2.36 -12.74
CA VAL A 17 -2.90 -1.21 -11.84
C VAL A 17 -4.21 -0.73 -11.14
N ARG A 18 -4.19 -0.68 -9.79
CA ARG A 18 -5.35 -0.33 -8.96
C ARG A 18 -5.53 1.18 -8.74
N SER A 19 -6.75 1.60 -8.35
CA SER A 19 -7.11 3.00 -8.13
C SER A 19 -6.24 3.70 -7.10
N TYR A 20 -5.98 3.03 -5.97
CA TYR A 20 -5.17 3.62 -4.90
C TYR A 20 -3.64 3.52 -5.14
N GLU A 21 -3.23 2.87 -6.22
CA GLU A 21 -1.81 2.67 -6.57
C GLU A 21 -1.21 3.79 -7.44
N VAL A 22 -2.06 4.74 -7.89
CA VAL A 22 -1.63 5.78 -8.82
C VAL A 22 -1.47 7.14 -8.16
N GLY A 23 -0.63 7.98 -8.77
CA GLY A 23 -0.40 9.37 -8.35
C GLY A 23 -1.25 10.38 -9.10
N SER A 24 -0.84 11.67 -9.09
N SER A 24 -0.85 11.67 -9.09
N SER A 24 -0.84 11.67 -9.09
CA SER A 24 -1.56 12.78 -9.74
CA SER A 24 -1.60 12.77 -9.73
CA SER A 24 -1.56 12.78 -9.74
C SER A 24 -1.76 12.64 -11.25
C SER A 24 -1.75 12.66 -11.25
C SER A 24 -1.76 12.64 -11.25
N ASN A 25 -0.87 11.92 -11.93
CA ASN A 25 -0.98 11.72 -13.39
C ASN A 25 -1.89 10.52 -13.75
N LYS A 26 -2.49 9.85 -12.73
CA LYS A 26 -3.28 8.62 -12.89
C LYS A 26 -2.42 7.48 -13.42
N THR A 27 -1.13 7.45 -13.07
CA THR A 27 -0.23 6.34 -13.43
C THR A 27 0.43 5.83 -12.13
N ALA A 28 0.85 4.58 -12.13
CA ALA A 28 1.45 3.95 -10.95
C ALA A 28 2.63 4.73 -10.39
N THR A 29 2.70 4.90 -9.04
CA THR A 29 3.85 5.54 -8.43
C THR A 29 5.07 4.57 -8.50
N VAL A 30 6.29 5.08 -8.24
CA VAL A 30 7.48 4.20 -8.22
C VAL A 30 7.40 3.23 -7.01
N GLU A 31 6.70 3.63 -5.92
CA GLU A 31 6.53 2.72 -4.76
C GLU A 31 5.59 1.60 -5.13
N THR A 32 4.53 1.87 -5.94
CA THR A 32 3.68 0.78 -6.43
C THR A 32 4.55 -0.18 -7.30
N ILE A 33 5.37 0.37 -8.20
CA ILE A 33 6.26 -0.47 -9.03
C ILE A 33 7.18 -1.35 -8.15
N ALA A 34 7.85 -0.71 -7.15
CA ALA A 34 8.75 -1.43 -6.23
C ALA A 34 8.01 -2.55 -5.46
N ASN A 35 6.76 -2.29 -5.04
CA ASN A 35 5.96 -3.32 -4.36
C ASN A 35 5.67 -4.50 -5.33
N LEU A 36 5.30 -4.20 -6.60
CA LEU A 36 5.05 -5.30 -7.57
C LEU A 36 6.35 -6.09 -7.81
N LEU A 37 7.52 -5.40 -7.85
CA LEU A 37 8.81 -6.13 -8.03
C LEU A 37 9.02 -7.10 -6.86
N GLN A 38 8.71 -6.65 -5.61
CA GLN A 38 8.87 -7.53 -4.46
C GLN A 38 7.87 -8.70 -4.50
N GLU A 39 6.63 -8.44 -4.94
CA GLU A 39 5.60 -9.46 -5.03
C GLU A 39 6.01 -10.56 -6.03
N VAL A 40 6.48 -10.17 -7.23
CA VAL A 40 6.86 -11.18 -8.22
C VAL A 40 8.12 -11.96 -7.75
N GLY A 41 9.03 -11.30 -7.03
CA GLY A 41 10.21 -11.95 -6.44
C GLY A 41 9.78 -13.02 -5.44
N CYS A 42 8.80 -12.68 -4.58
N CYS A 42 8.81 -12.69 -4.59
N CYS A 42 8.79 -12.68 -4.59
CA CYS A 42 8.24 -13.60 -3.59
CA CYS A 42 8.28 -13.60 -3.59
CA CYS A 42 8.24 -13.59 -3.59
C CYS A 42 7.55 -14.79 -4.25
C CYS A 42 7.55 -14.79 -4.23
C CYS A 42 7.55 -14.79 -4.25
N ASN A 43 6.79 -14.56 -5.32
CA ASN A 43 6.08 -15.65 -6.01
C ASN A 43 7.10 -16.57 -6.74
N HIS A 44 8.21 -16.00 -7.22
CA HIS A 44 9.28 -16.81 -7.82
C HIS A 44 9.90 -17.71 -6.74
N ALA A 45 10.25 -17.16 -5.56
CA ALA A 45 10.81 -17.96 -4.46
C ALA A 45 9.82 -19.11 -4.07
N GLN A 46 8.53 -18.81 -3.95
CA GLN A 46 7.53 -19.82 -3.61
C GLN A 46 7.46 -20.93 -4.64
N SER A 47 7.50 -20.56 -5.93
N SER A 47 7.49 -20.56 -5.94
N SER A 47 7.50 -20.56 -5.93
CA SER A 47 7.39 -21.50 -7.04
CA SER A 47 7.37 -21.51 -7.04
CA SER A 47 7.39 -21.50 -7.04
C SER A 47 8.46 -22.58 -7.05
C SER A 47 8.45 -22.59 -7.04
C SER A 47 8.46 -22.58 -7.05
N VAL A 48 9.59 -22.35 -6.37
CA VAL A 48 10.67 -23.36 -6.34
C VAL A 48 11.02 -23.87 -4.91
N GLY A 49 10.19 -23.58 -3.91
CA GLY A 49 10.38 -24.12 -2.56
C GLY A 49 11.21 -23.34 -1.54
N PHE A 50 11.64 -22.10 -1.87
CA PHE A 50 12.38 -21.30 -0.88
C PHE A 50 11.39 -20.60 0.08
N SER A 51 11.90 -19.98 1.18
CA SER A 51 11.01 -19.28 2.12
C SER A 51 10.25 -18.14 1.42
N THR A 52 9.08 -17.79 1.96
CA THR A 52 8.26 -16.74 1.36
C THR A 52 8.10 -15.54 2.31
N ASP A 53 9.11 -15.30 3.14
CA ASP A 53 9.13 -14.21 4.10
C ASP A 53 9.95 -13.01 3.61
N GLY A 54 10.35 -13.00 2.33
CA GLY A 54 11.16 -11.93 1.80
C GLY A 54 12.65 -12.24 1.88
N PHE A 55 13.05 -13.31 2.62
CA PHE A 55 14.45 -13.70 2.79
C PHE A 55 14.90 -14.83 1.84
N ALA A 56 13.94 -15.49 1.15
CA ALA A 56 14.16 -16.56 0.16
C ALA A 56 15.27 -17.55 0.57
N THR A 57 15.13 -18.14 1.77
CA THR A 57 16.12 -19.03 2.33
C THR A 57 15.90 -20.54 2.01
N THR A 58 16.97 -21.32 2.12
CA THR A 58 16.91 -22.78 2.02
C THR A 58 16.87 -23.35 3.47
N THR A 59 16.56 -24.67 3.66
CA THR A 59 16.58 -25.28 4.99
C THR A 59 17.99 -25.15 5.63
N THR A 60 19.04 -25.22 4.80
CA THR A 60 20.46 -25.07 5.16
C THR A 60 20.71 -23.68 5.80
N MET A 61 20.23 -22.61 5.15
N MET A 61 20.23 -22.61 5.15
N MET A 61 20.23 -22.61 5.15
CA MET A 61 20.37 -21.25 5.66
CA MET A 61 20.38 -21.26 5.68
CA MET A 61 20.37 -21.25 5.66
C MET A 61 19.55 -21.09 6.94
C MET A 61 19.55 -21.10 6.95
C MET A 61 19.55 -21.09 6.94
N ARG A 62 18.35 -21.67 6.99
CA ARG A 62 17.47 -21.59 8.17
C ARG A 62 18.08 -22.20 9.46
N LYS A 63 18.76 -23.34 9.34
CA LYS A 63 19.41 -23.96 10.50
C LYS A 63 20.62 -23.12 10.96
N LEU A 64 21.26 -22.37 10.03
CA LEU A 64 22.38 -21.49 10.35
C LEU A 64 21.96 -20.06 10.72
N HIS A 65 20.63 -19.77 10.71
CA HIS A 65 20.06 -18.46 10.97
C HIS A 65 20.62 -17.43 9.97
N LEU A 66 20.74 -17.82 8.68
CA LEU A 66 21.21 -16.92 7.62
C LEU A 66 20.04 -16.47 6.77
N ILE A 67 20.06 -15.20 6.36
CA ILE A 67 19.03 -14.64 5.48
C ILE A 67 19.70 -13.84 4.34
N TRP A 68 18.95 -13.62 3.25
CA TRP A 68 19.40 -12.73 2.19
C TRP A 68 18.78 -11.36 2.49
N VAL A 69 19.56 -10.28 2.37
CA VAL A 69 19.03 -8.93 2.54
C VAL A 69 19.47 -8.01 1.39
N THR A 70 18.62 -7.03 1.06
CA THR A 70 18.92 -6.12 -0.04
C THR A 70 19.97 -5.10 0.35
N ALA A 71 21.00 -4.97 -0.47
CA ALA A 71 22.07 -3.99 -0.30
C ALA A 71 21.85 -2.78 -1.24
N ARG A 72 21.27 -3.00 -2.41
CA ARG A 72 20.98 -1.93 -3.36
C ARG A 72 19.79 -2.29 -4.23
N MET A 73 18.97 -1.26 -4.55
CA MET A 73 17.86 -1.40 -5.51
C MET A 73 18.12 -0.32 -6.59
N HIS A 74 17.93 -0.68 -7.87
CA HIS A 74 18.13 0.30 -8.96
C HIS A 74 16.94 0.08 -9.92
N ILE A 75 16.14 1.12 -10.14
CA ILE A 75 14.97 1.04 -11.03
C ILE A 75 15.03 2.12 -12.11
N GLU A 76 14.73 1.74 -13.39
CA GLU A 76 14.66 2.73 -14.46
C GLU A 76 13.28 2.54 -15.11
N ILE A 77 12.46 3.59 -15.16
CA ILE A 77 11.13 3.51 -15.77
C ILE A 77 11.07 4.41 -16.99
N TYR A 78 10.64 3.84 -18.14
CA TYR A 78 10.45 4.58 -19.40
C TYR A 78 9.00 5.10 -19.48
N LYS A 79 8.03 4.30 -19.01
CA LYS A 79 6.62 4.70 -18.97
C LYS A 79 5.95 4.06 -17.76
N TYR A 80 5.31 4.87 -16.91
CA TYR A 80 4.56 4.32 -15.78
C TYR A 80 3.19 3.87 -16.30
N PRO A 81 2.73 2.68 -15.88
CA PRO A 81 1.43 2.19 -16.38
C PRO A 81 0.28 2.98 -15.80
N ALA A 82 -0.75 3.24 -16.62
CA ALA A 82 -1.91 3.99 -16.16
C ALA A 82 -2.82 3.08 -15.31
N TRP A 83 -3.73 3.68 -14.55
CA TRP A 83 -4.75 2.95 -13.81
C TRP A 83 -5.57 2.06 -14.77
N GLY A 84 -5.73 0.80 -14.40
CA GLY A 84 -6.46 -0.15 -15.24
C GLY A 84 -5.59 -0.88 -16.25
N ASP A 85 -4.37 -0.39 -16.51
CA ASP A 85 -3.46 -1.05 -17.44
C ASP A 85 -2.94 -2.37 -16.88
N VAL A 86 -2.60 -3.32 -17.76
CA VAL A 86 -2.04 -4.60 -17.32
C VAL A 86 -0.53 -4.53 -17.60
N VAL A 87 0.30 -4.77 -16.58
CA VAL A 87 1.75 -4.78 -16.73
C VAL A 87 2.26 -6.21 -16.51
N GLU A 88 3.18 -6.69 -17.37
CA GLU A 88 3.74 -8.02 -17.20
C GLU A 88 5.17 -7.87 -16.69
N ILE A 89 5.51 -8.54 -15.59
CA ILE A 89 6.87 -8.45 -15.06
C ILE A 89 7.55 -9.81 -15.08
N GLU A 90 8.75 -9.88 -15.66
CA GLU A 90 9.56 -11.11 -15.70
C GLU A 90 10.76 -10.88 -14.74
N THR A 91 11.09 -11.88 -13.95
CA THR A 91 12.19 -11.78 -12.99
C THR A 91 13.03 -13.05 -12.96
N TRP A 92 14.30 -12.88 -12.61
CA TRP A 92 15.23 -14.00 -12.48
C TRP A 92 16.34 -13.58 -11.52
N CYS A 93 17.13 -14.54 -11.07
N CYS A 93 17.08 -14.58 -11.01
N CYS A 93 17.13 -14.54 -11.07
CA CYS A 93 18.21 -14.27 -10.15
CA CYS A 93 18.19 -14.38 -10.08
CA CYS A 93 18.21 -14.27 -10.15
C CYS A 93 19.50 -14.92 -10.63
C CYS A 93 19.49 -14.94 -10.63
C CYS A 93 19.50 -14.92 -10.63
N GLN A 94 20.63 -14.44 -10.13
CA GLN A 94 21.94 -15.00 -10.51
C GLN A 94 22.89 -14.90 -9.33
N SER A 95 23.78 -15.91 -9.16
CA SER A 95 24.84 -15.84 -8.15
C SER A 95 25.92 -14.89 -8.68
N GLU A 96 26.54 -14.14 -7.79
CA GLU A 96 27.64 -13.27 -8.17
C GLU A 96 28.83 -13.71 -7.31
N GLY A 97 29.20 -14.98 -7.48
CA GLY A 97 30.30 -15.64 -6.78
C GLY A 97 30.00 -15.84 -5.32
N ARG A 98 30.93 -15.48 -4.46
CA ARG A 98 30.74 -15.57 -3.02
C ARG A 98 30.31 -14.24 -2.38
N ILE A 99 30.19 -13.15 -3.16
CA ILE A 99 29.82 -11.85 -2.63
C ILE A 99 28.32 -11.86 -2.27
N GLY A 100 27.50 -12.37 -3.17
CA GLY A 100 26.06 -12.37 -2.97
C GLY A 100 25.29 -12.77 -4.20
N THR A 101 24.05 -12.33 -4.28
CA THR A 101 23.18 -12.67 -5.39
C THR A 101 22.57 -11.41 -5.99
N ARG A 102 22.04 -11.52 -7.20
CA ARG A 102 21.39 -10.40 -7.86
C ARG A 102 20.00 -10.85 -8.32
N ARG A 103 18.99 -9.99 -8.22
CA ARG A 103 17.67 -10.30 -8.81
C ARG A 103 17.44 -9.16 -9.82
N ASP A 104 17.04 -9.52 -11.06
CA ASP A 104 16.73 -8.57 -12.12
C ASP A 104 15.26 -8.66 -12.51
N TRP A 105 14.70 -7.58 -13.05
CA TRP A 105 13.30 -7.57 -13.51
C TRP A 105 13.20 -6.78 -14.81
N ILE A 106 12.24 -7.15 -15.66
CA ILE A 106 11.88 -6.44 -16.86
C ILE A 106 10.37 -6.23 -16.82
N LEU A 107 9.92 -4.99 -17.03
CA LEU A 107 8.49 -4.65 -17.02
C LEU A 107 8.06 -4.38 -18.45
N LYS A 108 6.89 -4.91 -18.84
CA LYS A 108 6.35 -4.71 -20.18
C LYS A 108 4.89 -4.34 -20.14
N ASP A 109 4.45 -3.60 -21.16
CA ASP A 109 3.05 -3.27 -21.35
C ASP A 109 2.48 -4.57 -21.95
N SER A 110 1.47 -5.16 -21.30
CA SER A 110 0.93 -6.43 -21.76
C SER A 110 0.26 -6.37 -23.13
N VAL A 111 -0.35 -5.23 -23.47
CA VAL A 111 -1.00 -5.07 -24.76
C VAL A 111 0.00 -4.90 -25.92
N THR A 112 1.01 -4.02 -25.76
CA THR A 112 1.95 -3.77 -26.86
C THR A 112 3.18 -4.70 -26.86
N GLY A 113 3.50 -5.27 -25.70
CA GLY A 113 4.69 -6.10 -25.55
C GLY A 113 5.97 -5.28 -25.41
N GLU A 114 5.86 -3.94 -25.36
CA GLU A 114 7.03 -3.08 -25.27
C GLU A 114 7.59 -3.00 -23.86
N VAL A 115 8.92 -2.89 -23.75
CA VAL A 115 9.56 -2.76 -22.44
C VAL A 115 9.32 -1.36 -21.89
N THR A 116 8.69 -1.27 -20.72
CA THR A 116 8.38 0.02 -20.09
C THR A 116 9.25 0.34 -18.86
N GLY A 117 10.03 -0.63 -18.38
CA GLY A 117 10.90 -0.43 -17.24
C GLY A 117 11.84 -1.60 -17.00
N ARG A 118 12.84 -1.40 -16.14
CA ARG A 118 13.75 -2.49 -15.79
C ARG A 118 14.32 -2.21 -14.43
N ALA A 119 14.73 -3.28 -13.74
CA ALA A 119 15.28 -3.09 -12.39
C ALA A 119 16.28 -4.17 -12.04
N THR A 120 17.16 -3.85 -11.08
CA THR A 120 18.17 -4.79 -10.62
C THR A 120 18.43 -4.52 -9.14
N SER A 121 18.83 -5.56 -8.44
CA SER A 121 19.10 -5.43 -7.01
C SER A 121 20.24 -6.34 -6.59
N LYS A 122 21.02 -5.89 -5.59
CA LYS A 122 22.13 -6.65 -5.03
C LYS A 122 21.70 -7.13 -3.65
N TRP A 123 21.94 -8.41 -3.36
CA TRP A 123 21.60 -9.02 -2.09
C TRP A 123 22.85 -9.65 -1.46
N VAL A 124 22.98 -9.54 -0.13
CA VAL A 124 24.08 -10.11 0.64
C VAL A 124 23.50 -11.12 1.65
N MET A 125 24.32 -12.07 2.10
CA MET A 125 23.90 -13.02 3.11
C MET A 125 24.33 -12.47 4.46
N MET A 126 23.43 -12.54 5.45
CA MET A 126 23.68 -12.02 6.79
C MET A 126 23.15 -12.99 7.84
N ASN A 127 23.80 -13.06 9.02
CA ASN A 127 23.22 -13.84 10.12
C ASN A 127 22.09 -12.95 10.66
N GLN A 128 20.86 -13.47 10.79
CA GLN A 128 19.71 -12.66 11.20
C GLN A 128 19.76 -12.07 12.63
N ASP A 129 20.60 -12.67 13.48
CA ASP A 129 20.73 -12.28 14.90
C ASP A 129 21.91 -11.33 15.11
N THR A 130 23.12 -11.72 14.66
CA THR A 130 24.29 -10.85 14.82
C THR A 130 24.34 -9.70 13.83
N ARG A 131 23.58 -9.80 12.71
CA ARG A 131 23.61 -8.82 11.62
C ARG A 131 24.99 -8.77 10.95
N ARG A 132 25.81 -9.84 11.08
CA ARG A 132 27.13 -9.85 10.43
C ARG A 132 27.00 -10.45 9.04
N LEU A 133 27.61 -9.80 8.06
CA LEU A 133 27.58 -10.31 6.69
C LEU A 133 28.51 -11.49 6.54
N GLN A 134 28.23 -12.37 5.55
CA GLN A 134 29.16 -13.46 5.27
C GLN A 134 29.16 -13.84 3.83
N LYS A 135 30.33 -14.31 3.40
CA LYS A 135 30.49 -14.76 2.03
C LYS A 135 29.67 -16.04 1.81
N VAL A 136 29.25 -16.26 0.57
CA VAL A 136 28.42 -17.41 0.24
C VAL A 136 29.25 -18.69 0.09
N SER A 137 28.94 -19.72 0.89
CA SER A 137 29.66 -21.00 0.80
C SER A 137 29.26 -21.79 -0.45
N ASP A 138 30.06 -22.81 -0.83
CA ASP A 138 29.73 -23.66 -2.00
C ASP A 138 28.39 -24.35 -1.78
N ASP A 139 28.12 -24.86 -0.57
CA ASP A 139 26.87 -25.56 -0.32
C ASP A 139 25.64 -24.69 -0.61
N VAL A 140 25.65 -23.43 -0.13
CA VAL A 140 24.52 -22.54 -0.39
C VAL A 140 24.45 -22.16 -1.88
N ARG A 141 25.60 -21.80 -2.47
CA ARG A 141 25.66 -21.47 -3.89
C ARG A 141 25.09 -22.59 -4.79
N ASP A 142 25.47 -23.85 -4.52
CA ASP A 142 25.00 -25.00 -5.29
C ASP A 142 23.51 -25.18 -5.20
N GLU A 143 22.90 -24.88 -4.03
CA GLU A 143 21.44 -25.01 -3.88
C GLU A 143 20.71 -24.06 -4.79
N TYR A 144 21.24 -22.83 -4.96
CA TYR A 144 20.58 -21.82 -5.80
C TYR A 144 20.90 -21.92 -7.30
N LEU A 145 22.09 -22.39 -7.65
CA LEU A 145 22.55 -22.44 -9.03
C LEU A 145 21.61 -23.17 -10.02
N VAL A 146 20.96 -24.28 -9.60
CA VAL A 146 20.03 -24.99 -10.49
C VAL A 146 18.69 -24.24 -10.75
N PHE A 147 18.50 -23.08 -10.08
CA PHE A 147 17.31 -22.25 -10.26
C PHE A 147 17.62 -20.93 -11.01
N CYS A 148 18.88 -20.73 -11.45
CA CYS A 148 19.38 -19.52 -12.11
C CYS A 148 19.94 -19.83 -13.49
N PRO A 149 19.90 -18.86 -14.42
CA PRO A 149 20.56 -19.07 -15.72
C PRO A 149 22.08 -19.26 -15.53
N GLN A 150 22.71 -20.17 -16.29
CA GLN A 150 24.15 -20.39 -16.08
C GLN A 150 24.99 -19.39 -16.89
N GLU A 151 24.50 -18.92 -18.03
CA GLU A 151 25.17 -17.86 -18.79
C GLU A 151 24.62 -16.50 -18.28
N PRO A 152 25.43 -15.44 -18.21
CA PRO A 152 24.91 -14.15 -17.68
C PRO A 152 23.72 -13.63 -18.45
N ARG A 153 22.72 -13.15 -17.71
CA ARG A 153 21.52 -12.57 -18.26
C ARG A 153 21.32 -11.29 -17.43
N LEU A 154 21.51 -10.12 -18.05
CA LEU A 154 21.49 -8.85 -17.33
C LEU A 154 20.37 -7.93 -17.75
N ALA A 155 19.64 -7.34 -16.79
CA ALA A 155 18.66 -6.31 -17.16
C ALA A 155 19.42 -5.03 -17.56
N PHE A 156 20.61 -4.79 -16.99
CA PHE A 156 21.45 -3.64 -17.29
C PHE A 156 22.78 -4.12 -17.84
N PRO A 157 22.81 -4.48 -19.13
CA PRO A 157 24.05 -4.97 -19.72
C PRO A 157 25.10 -3.88 -19.95
N GLU A 158 24.68 -2.64 -20.31
CA GLU A 158 25.56 -1.49 -20.63
C GLU A 158 26.93 -1.47 -19.89
N GLU A 159 27.96 -0.97 -20.59
CA GLU A 159 29.36 -0.90 -20.17
C GLU A 159 29.61 -0.49 -18.70
N ASN A 160 29.36 0.78 -18.34
CA ASN A 160 29.57 1.28 -16.99
C ASN A 160 28.25 1.88 -16.57
N ASN A 161 27.24 1.01 -16.47
CA ASN A 161 25.89 1.46 -16.17
C ASN A 161 25.71 2.00 -14.75
N ARG A 162 24.70 2.84 -14.61
CA ARG A 162 24.31 3.53 -13.38
C ARG A 162 24.11 2.61 -12.19
N SER A 163 23.59 1.38 -12.42
CA SER A 163 23.32 0.44 -11.34
C SER A 163 24.54 0.00 -10.56
N LEU A 164 25.76 0.18 -11.11
CA LEU A 164 26.98 -0.24 -10.41
C LEU A 164 27.86 0.92 -9.91
N LYS A 165 27.39 2.16 -10.06
CA LYS A 165 28.19 3.33 -9.64
C LYS A 165 28.16 3.53 -8.12
N LYS A 166 29.29 3.94 -7.56
CA LYS A 166 29.44 4.24 -6.15
C LYS A 166 28.64 5.54 -5.85
N ILE A 167 27.94 5.64 -4.71
CA ILE A 167 27.16 6.84 -4.38
C ILE A 167 27.87 7.63 -3.25
N PRO A 168 28.15 8.93 -3.46
CA PRO A 168 28.82 9.71 -2.42
C PRO A 168 27.93 10.08 -1.24
N LYS A 169 28.53 10.50 -0.12
CA LYS A 169 27.74 10.85 1.06
C LYS A 169 27.41 12.34 1.03
N LEU A 170 26.11 12.70 1.06
CA LEU A 170 25.65 14.09 1.07
C LEU A 170 26.31 14.86 2.24
N GLU A 171 26.82 16.07 2.01
CA GLU A 171 27.44 16.86 3.08
C GLU A 171 26.52 17.99 3.55
N ASP A 172 26.43 18.22 4.86
CA ASP A 172 25.57 19.27 5.40
C ASP A 172 26.14 20.66 5.01
N PRO A 173 25.29 21.66 4.74
CA PRO A 173 23.83 21.62 4.86
C PRO A 173 23.16 21.06 3.61
N ALA A 174 22.11 20.27 3.79
CA ALA A 174 21.34 19.75 2.64
C ALA A 174 20.54 20.91 2.02
N GLN A 175 20.25 20.84 0.70
CA GLN A 175 19.46 21.89 0.09
C GLN A 175 18.00 21.80 0.55
N TYR A 176 17.48 20.56 0.67
CA TYR A 176 16.10 20.28 1.06
C TYR A 176 16.05 19.17 2.15
N SER A 177 15.01 19.19 3.00
CA SER A 177 14.87 18.14 4.01
C SER A 177 13.44 17.93 4.44
N MET A 178 13.14 16.72 4.92
CA MET A 178 11.86 16.35 5.54
C MET A 178 12.30 15.62 6.83
N ILE A 179 11.93 16.15 7.99
CA ILE A 179 12.36 15.69 9.30
C ILE A 179 11.34 14.85 10.04
N GLY A 180 11.81 13.96 10.91
CA GLY A 180 10.95 13.23 11.81
C GLY A 180 10.01 12.24 11.20
N LEU A 181 10.41 11.61 10.08
CA LEU A 181 9.62 10.59 9.42
C LEU A 181 9.62 9.30 10.26
N LYS A 182 8.45 8.70 10.48
CA LYS A 182 8.38 7.49 11.27
C LYS A 182 7.39 6.48 10.70
N PRO A 183 7.77 5.20 10.77
CA PRO A 183 6.90 4.17 10.21
C PRO A 183 5.65 3.94 11.04
N ARG A 184 4.57 3.48 10.37
CA ARG A 184 3.38 3.01 11.06
C ARG A 184 3.25 1.49 10.75
N ARG A 185 2.26 0.78 11.34
CA ARG A 185 2.18 -0.66 11.14
C ARG A 185 2.05 -1.08 9.67
N ALA A 186 1.39 -0.24 8.86
CA ALA A 186 1.25 -0.54 7.42
C ALA A 186 2.62 -0.57 6.70
N ASP A 187 3.63 0.09 7.28
CA ASP A 187 4.98 0.09 6.68
C ASP A 187 5.76 -1.18 7.04
N LEU A 188 5.24 -2.04 7.93
CA LEU A 188 5.98 -3.24 8.33
C LEU A 188 5.60 -4.45 7.49
N ASP A 189 6.51 -5.43 7.40
CA ASP A 189 6.24 -6.69 6.71
C ASP A 189 5.75 -7.73 7.73
N MET A 190 5.57 -8.98 7.29
CA MET A 190 5.09 -10.05 8.14
C MET A 190 6.05 -10.35 9.30
N ASN A 191 7.34 -9.99 9.17
CA ASN A 191 8.36 -10.22 10.21
C ASN A 191 8.50 -8.99 11.18
N GLN A 192 7.63 -7.97 11.03
CA GLN A 192 7.67 -6.74 11.81
C GLN A 192 8.93 -5.91 11.53
N HIS A 193 9.47 -6.00 10.32
CA HIS A 193 10.59 -5.19 9.86
C HIS A 193 10.05 -4.14 8.88
N VAL A 194 10.67 -2.94 8.80
CA VAL A 194 10.19 -1.94 7.85
C VAL A 194 10.38 -2.45 6.42
N ASN A 195 9.31 -2.42 5.62
CA ASN A 195 9.36 -2.85 4.21
C ASN A 195 10.40 -2.03 3.43
N ASN A 196 11.22 -2.68 2.59
CA ASN A 196 12.22 -1.96 1.77
C ASN A 196 11.64 -0.81 0.97
N VAL A 197 10.37 -0.92 0.51
CA VAL A 197 9.77 0.14 -0.29
C VAL A 197 9.52 1.42 0.52
N THR A 198 9.30 1.29 1.85
CA THR A 198 9.06 2.48 2.68
C THR A 198 10.27 3.45 2.61
N TYR A 199 11.50 2.89 2.54
CA TYR A 199 12.69 3.73 2.44
C TYR A 199 12.73 4.53 1.14
N ILE A 200 12.22 3.96 0.02
CA ILE A 200 12.09 4.69 -1.24
C ILE A 200 11.15 5.91 -1.03
N GLY A 201 10.01 5.67 -0.38
CA GLY A 201 9.05 6.74 -0.08
C GLY A 201 9.70 7.83 0.76
N TRP A 202 10.43 7.42 1.82
CA TRP A 202 11.13 8.41 2.66
C TRP A 202 12.16 9.22 1.90
N VAL A 203 12.96 8.57 1.01
CA VAL A 203 13.94 9.32 0.19
C VAL A 203 13.21 10.41 -0.63
N LEU A 204 12.10 10.00 -1.29
CA LEU A 204 11.35 10.91 -2.16
C LEU A 204 10.66 12.07 -1.40
N GLU A 205 10.39 11.90 -0.10
CA GLU A 205 9.72 12.96 0.66
C GLU A 205 10.43 14.32 0.64
N SER A 206 11.78 14.32 0.55
CA SER A 206 12.50 15.60 0.57
C SER A 206 12.70 16.22 -0.82
N ILE A 207 12.08 15.64 -1.86
CA ILE A 207 12.13 16.23 -3.22
C ILE A 207 11.00 17.28 -3.18
N PRO A 208 11.27 18.53 -3.55
CA PRO A 208 10.19 19.54 -3.50
C PRO A 208 8.99 19.14 -4.39
N GLN A 209 7.78 19.47 -3.93
CA GLN A 209 6.56 19.15 -4.66
C GLN A 209 6.55 19.70 -6.08
N GLU A 210 7.18 20.89 -6.33
CA GLU A 210 7.25 21.48 -7.69
C GLU A 210 8.02 20.62 -8.66
N ILE A 211 9.07 19.89 -8.17
CA ILE A 211 9.78 18.95 -9.06
C ILE A 211 8.84 17.80 -9.41
N VAL A 212 8.15 17.22 -8.40
CA VAL A 212 7.23 16.10 -8.65
C VAL A 212 6.09 16.49 -9.60
N ASP A 213 5.58 17.70 -9.49
CA ASP A 213 4.50 18.21 -10.35
C ASP A 213 4.94 18.51 -11.80
N THR A 214 6.22 18.80 -12.03
CA THR A 214 6.68 19.16 -13.38
C THR A 214 7.61 18.14 -14.04
N HIS A 215 8.03 17.11 -13.28
CA HIS A 215 8.97 16.13 -13.80
C HIS A 215 8.46 14.72 -13.57
N GLU A 216 9.05 13.77 -14.27
CA GLU A 216 8.79 12.35 -14.07
C GLU A 216 10.09 11.69 -13.61
N LEU A 217 10.00 10.86 -12.59
CA LEU A 217 11.17 10.14 -12.09
C LEU A 217 11.56 9.08 -13.15
N GLN A 218 12.81 9.15 -13.64
CA GLN A 218 13.30 8.19 -14.60
C GLN A 218 14.15 7.10 -13.96
N VAL A 219 15.07 7.46 -13.07
CA VAL A 219 15.97 6.48 -12.46
C VAL A 219 16.13 6.72 -10.98
N ILE A 220 16.11 5.66 -10.17
CA ILE A 220 16.41 5.76 -8.75
C ILE A 220 17.41 4.65 -8.40
N THR A 221 18.50 4.98 -7.68
CA THR A 221 19.46 3.99 -7.18
C THR A 221 19.50 4.25 -5.66
N LEU A 222 19.28 3.20 -4.87
CA LEU A 222 19.26 3.31 -3.42
C LEU A 222 20.11 2.25 -2.74
N ASP A 223 21.08 2.66 -1.89
CA ASP A 223 21.87 1.75 -1.06
C ASP A 223 21.15 1.62 0.30
N TYR A 224 21.16 0.40 0.85
CA TYR A 224 20.58 0.09 2.15
C TYR A 224 21.77 -0.23 3.07
N ARG A 225 22.01 0.59 4.07
CA ARG A 225 23.20 0.44 4.94
C ARG A 225 22.85 -0.08 6.33
N ARG A 226 21.68 0.32 6.83
CA ARG A 226 21.24 -0.04 8.18
C ARG A 226 19.71 0.02 8.20
N GLU A 227 19.08 -0.84 9.00
CA GLU A 227 17.64 -0.81 9.11
C GLU A 227 17.14 0.28 10.05
N CYS A 228 15.93 0.78 9.78
CA CYS A 228 15.22 1.66 10.70
C CYS A 228 14.57 0.64 11.68
N GLN A 229 14.99 0.67 12.94
CA GLN A 229 14.56 -0.26 13.99
C GLN A 229 13.47 0.32 14.90
N GLN A 230 12.91 -0.49 15.82
CA GLN A 230 11.86 -0.09 16.74
C GLN A 230 12.12 1.27 17.39
N ASP A 231 11.15 2.18 17.24
CA ASP A 231 11.15 3.54 17.79
C ASP A 231 12.12 4.50 17.09
N ASP A 232 12.75 4.09 15.97
CA ASP A 232 13.64 4.98 15.25
C ASP A 232 12.82 6.04 14.48
N VAL A 233 13.43 7.21 14.27
CA VAL A 233 12.83 8.33 13.54
C VAL A 233 13.89 8.77 12.51
N VAL A 234 13.46 9.06 11.29
CA VAL A 234 14.34 9.31 10.15
C VAL A 234 14.24 10.71 9.57
N ASP A 235 15.39 11.29 9.19
CA ASP A 235 15.42 12.57 8.47
C ASP A 235 15.83 12.26 7.03
N SER A 236 15.11 12.83 6.06
CA SER A 236 15.35 12.66 4.63
C SER A 236 15.99 13.96 4.08
N LEU A 237 17.21 13.87 3.52
CA LEU A 237 17.97 15.01 3.04
C LEU A 237 18.20 14.88 1.52
N THR A 238 18.10 15.98 0.79
CA THR A 238 18.26 16.00 -0.67
C THR A 238 19.01 17.26 -1.12
N THR A 239 19.95 17.12 -2.07
CA THR A 239 20.66 18.25 -2.67
C THR A 239 20.69 18.03 -4.18
N THR A 240 20.40 19.08 -4.95
CA THR A 240 20.43 18.98 -6.41
C THR A 240 21.89 18.85 -6.85
N THR A 241 22.20 17.93 -7.76
CA THR A 241 23.56 17.79 -8.29
C THR A 241 23.70 18.22 -9.75
N SER A 242 22.60 18.33 -10.48
CA SER A 242 22.65 18.78 -11.88
C SER A 242 22.85 20.30 -11.96
N ASN A 259 17.02 19.60 -19.80
CA ASN A 259 15.69 19.21 -19.34
C ASN A 259 15.70 18.11 -18.28
N ASP A 260 16.89 17.76 -17.72
CA ASP A 260 16.98 16.72 -16.69
C ASP A 260 17.48 17.30 -15.36
N SER A 261 16.95 16.79 -14.24
CA SER A 261 17.36 17.21 -12.90
C SER A 261 17.88 15.96 -12.18
N GLN A 262 19.00 16.07 -11.45
CA GLN A 262 19.54 14.95 -10.71
C GLN A 262 19.70 15.37 -9.27
N PHE A 263 19.50 14.43 -8.35
CA PHE A 263 19.60 14.68 -6.91
C PHE A 263 20.45 13.66 -6.20
N LEU A 264 21.05 14.06 -5.06
CA LEU A 264 21.80 13.19 -4.16
C LEU A 264 20.94 13.10 -2.87
N HIS A 265 20.80 11.90 -2.31
CA HIS A 265 19.91 11.66 -1.18
C HIS A 265 20.63 11.01 -0.02
N LEU A 266 20.14 11.31 1.19
CA LEU A 266 20.65 10.70 2.40
C LEU A 266 19.51 10.55 3.41
N LEU A 267 19.31 9.33 3.94
CA LEU A 267 18.40 9.08 5.06
C LEU A 267 19.29 8.78 6.26
N ARG A 268 19.02 9.43 7.37
CA ARG A 268 19.78 9.19 8.59
C ARG A 268 18.87 9.26 9.81
N LEU A 269 19.27 8.65 10.91
CA LEU A 269 18.45 8.69 12.14
C LEU A 269 18.39 10.13 12.68
N SER A 270 17.22 10.58 13.09
CA SER A 270 17.01 11.98 13.47
C SER A 270 17.82 12.44 14.68
N GLY A 271 18.16 11.51 15.55
CA GLY A 271 18.94 11.84 16.73
C GLY A 271 20.44 11.96 16.47
N ASP A 272 21.13 10.80 16.48
CA ASP A 272 22.58 10.80 16.33
C ASP A 272 23.10 10.95 14.89
N GLY A 273 22.22 10.92 13.89
CA GLY A 273 22.64 11.08 12.51
C GLY A 273 23.26 9.84 11.87
N GLN A 274 23.04 8.67 12.46
CA GLN A 274 23.52 7.39 11.87
C GLN A 274 22.92 7.19 10.45
N GLU A 275 23.76 6.94 9.43
CA GLU A 275 23.25 6.71 8.08
C GLU A 275 22.43 5.42 7.98
N ILE A 276 21.27 5.49 7.31
CA ILE A 276 20.51 4.25 7.07
C ILE A 276 20.48 3.95 5.54
N ASN A 277 20.41 5.00 4.70
CA ASN A 277 20.43 4.85 3.23
C ASN A 277 21.11 6.02 2.56
N ARG A 278 21.60 5.82 1.33
CA ARG A 278 22.04 6.90 0.47
C ARG A 278 21.56 6.54 -0.94
N GLY A 279 21.30 7.55 -1.75
CA GLY A 279 20.82 7.27 -3.13
C GLY A 279 20.92 8.43 -4.09
N THR A 280 20.54 8.20 -5.33
CA THR A 280 20.50 9.25 -6.35
C THR A 280 19.21 9.06 -7.17
N THR A 281 18.65 10.16 -7.67
CA THR A 281 17.48 10.13 -8.55
C THR A 281 17.73 11.00 -9.80
N LEU A 282 17.18 10.60 -10.96
CA LEU A 282 17.29 11.36 -12.19
C LEU A 282 15.85 11.58 -12.68
N TRP A 283 15.49 12.85 -12.95
CA TRP A 283 14.13 13.22 -13.35
C TRP A 283 14.12 13.90 -14.70
N ARG A 284 13.08 13.65 -15.53
CA ARG A 284 12.97 14.32 -16.82
C ARG A 284 11.78 15.30 -16.79
N LYS A 285 11.94 16.48 -17.39
CA LYS A 285 10.86 17.47 -17.46
C LYS A 285 9.71 16.90 -18.28
N LYS A 286 8.47 17.03 -17.78
CA LYS A 286 7.29 16.50 -18.48
C LYS A 286 7.09 17.14 -19.86
N GLY B 2 -13.15 -8.37 -12.81
CA GLY B 2 -14.38 -7.88 -12.19
C GLY B 2 -15.47 -7.67 -13.21
N SER B 3 -16.73 -7.71 -12.75
CA SER B 3 -17.86 -7.52 -13.65
C SER B 3 -19.11 -7.20 -12.86
N LEU B 4 -20.05 -6.49 -13.49
CA LEU B 4 -21.39 -6.31 -12.93
C LEU B 4 -22.03 -7.74 -12.92
N THR B 5 -22.92 -8.00 -11.97
CA THR B 5 -23.63 -9.27 -11.87
C THR B 5 -24.74 -9.35 -12.96
N GLU B 6 -25.41 -10.51 -13.08
CA GLU B 6 -26.47 -10.73 -14.04
C GLU B 6 -27.52 -9.61 -14.13
N ASP B 7 -28.06 -9.15 -12.99
CA ASP B 7 -29.10 -8.12 -13.01
C ASP B 7 -28.56 -6.67 -13.18
N GLY B 8 -27.24 -6.51 -13.22
CA GLY B 8 -26.57 -5.23 -13.38
C GLY B 8 -26.65 -4.29 -12.20
N LEU B 9 -27.13 -4.77 -11.03
CA LEU B 9 -27.29 -3.91 -9.84
C LEU B 9 -26.24 -4.10 -8.73
N SER B 10 -25.21 -4.89 -9.00
CA SER B 10 -24.09 -5.06 -8.08
C SER B 10 -22.86 -5.46 -8.90
N TYR B 11 -21.69 -5.47 -8.26
CA TYR B 11 -20.42 -5.70 -8.95
C TYR B 11 -19.58 -6.65 -8.13
N LYS B 12 -18.91 -7.61 -8.78
CA LYS B 12 -18.06 -8.60 -8.10
C LYS B 12 -16.67 -8.60 -8.67
N GLU B 13 -15.68 -8.79 -7.81
CA GLU B 13 -14.29 -8.83 -8.26
C GLU B 13 -13.50 -9.71 -7.32
N LYS B 14 -12.55 -10.50 -7.87
CA LYS B 14 -11.68 -11.38 -7.09
C LYS B 14 -10.29 -10.77 -6.97
N PHE B 15 -9.65 -10.97 -5.81
CA PHE B 15 -8.30 -10.48 -5.52
C PHE B 15 -7.46 -11.58 -4.89
N VAL B 16 -6.17 -11.68 -5.26
CA VAL B 16 -5.28 -12.66 -4.64
C VAL B 16 -4.44 -11.90 -3.63
N VAL B 17 -4.50 -12.25 -2.33
CA VAL B 17 -3.74 -11.52 -1.30
C VAL B 17 -2.19 -11.54 -1.55
N ARG B 18 -1.58 -10.34 -1.61
CA ARG B 18 -0.15 -10.18 -1.92
C ARG B 18 0.76 -10.25 -0.69
N SER B 19 2.07 -10.50 -0.91
CA SER B 19 3.06 -10.66 0.16
C SER B 19 3.17 -9.43 1.07
N TYR B 20 3.18 -8.24 0.48
CA TYR B 20 3.31 -6.99 1.26
C TYR B 20 1.97 -6.51 1.88
N GLU B 21 0.86 -7.21 1.61
CA GLU B 21 -0.47 -6.86 2.11
C GLU B 21 -0.84 -7.52 3.45
N VAL B 22 0.05 -8.41 3.97
CA VAL B 22 -0.24 -9.17 5.18
C VAL B 22 0.55 -8.71 6.39
N GLY B 23 -0.02 -8.97 7.56
CA GLY B 23 0.61 -8.65 8.85
C GLY B 23 1.34 -9.84 9.45
N SER B 24 1.62 -9.79 10.78
CA SER B 24 2.35 -10.86 11.51
C SER B 24 1.76 -12.27 11.42
N ASN B 25 0.45 -12.39 11.28
CA ASN B 25 -0.18 -13.72 11.18
C ASN B 25 -0.16 -14.28 9.72
N LYS B 26 0.45 -13.55 8.78
CA LYS B 26 0.46 -13.88 7.36
C LYS B 26 -0.96 -13.82 6.77
N THR B 27 -1.81 -12.93 7.30
CA THR B 27 -3.16 -12.71 6.76
C THR B 27 -3.32 -11.20 6.48
N ALA B 28 -4.20 -10.85 5.57
CA ALA B 28 -4.40 -9.46 5.16
C ALA B 28 -4.71 -8.53 6.32
N THR B 29 -4.08 -7.33 6.36
CA THR B 29 -4.41 -6.36 7.40
C THR B 29 -5.80 -5.75 7.11
N VAL B 30 -6.41 -5.05 8.09
CA VAL B 30 -7.71 -4.40 7.84
C VAL B 30 -7.54 -3.23 6.84
N GLU B 31 -6.32 -2.61 6.76
CA GLU B 31 -6.07 -1.56 5.77
C GLU B 31 -6.01 -2.15 4.37
N THR B 32 -5.43 -3.38 4.22
CA THR B 32 -5.49 -4.04 2.91
C THR B 32 -6.98 -4.31 2.54
N ILE B 33 -7.79 -4.81 3.50
CA ILE B 33 -9.22 -5.05 3.22
C ILE B 33 -9.91 -3.73 2.78
N ALA B 34 -9.70 -2.63 3.55
CA ALA B 34 -10.29 -1.32 3.23
C ALA B 34 -9.87 -0.82 1.83
N ASN B 35 -8.60 -1.05 1.46
CA ASN B 35 -8.12 -0.67 0.12
C ASN B 35 -8.86 -1.51 -0.96
N LEU B 36 -9.03 -2.83 -0.75
CA LEU B 36 -9.76 -3.66 -1.74
C LEU B 36 -11.23 -3.20 -1.83
N LEU B 37 -11.85 -2.80 -0.69
CA LEU B 37 -13.24 -2.29 -0.74
C LEU B 37 -13.31 -1.02 -1.62
N GLN B 38 -12.30 -0.13 -1.48
CA GLN B 38 -12.28 1.08 -2.30
C GLN B 38 -12.05 0.76 -3.79
N GLU B 39 -11.18 -0.22 -4.06
CA GLU B 39 -10.88 -0.63 -5.43
C GLU B 39 -12.14 -1.18 -6.12
N VAL B 40 -12.87 -2.09 -5.44
CA VAL B 40 -14.07 -2.67 -6.08
C VAL B 40 -15.18 -1.59 -6.24
N GLY B 41 -15.26 -0.63 -5.31
CA GLY B 41 -16.18 0.51 -5.41
C GLY B 41 -15.87 1.33 -6.64
N CYS B 42 -14.57 1.61 -6.89
N CYS B 42 -14.58 1.62 -6.87
N CYS B 42 -14.57 1.61 -6.89
CA CYS B 42 -14.10 2.36 -8.04
CA CYS B 42 -14.13 2.38 -8.03
CA CYS B 42 -14.10 2.36 -8.04
C CYS B 42 -14.41 1.63 -9.35
C CYS B 42 -14.40 1.63 -9.35
C CYS B 42 -14.41 1.62 -9.35
N ASN B 43 -14.20 0.30 -9.39
CA ASN B 43 -14.46 -0.48 -10.60
C ASN B 43 -15.98 -0.55 -10.88
N HIS B 44 -16.80 -0.55 -9.82
CA HIS B 44 -18.26 -0.51 -10.00
C HIS B 44 -18.64 0.85 -10.63
N ALA B 45 -18.13 1.99 -10.09
CA ALA B 45 -18.43 3.32 -10.64
C ALA B 45 -18.01 3.37 -12.16
N GLN B 46 -16.83 2.85 -12.48
CA GLN B 46 -16.32 2.79 -13.84
C GLN B 46 -17.25 2.01 -14.78
N SER B 47 -17.69 0.83 -14.32
CA SER B 47 -18.52 -0.05 -15.12
C SER B 47 -19.84 0.58 -15.58
N VAL B 48 -20.32 1.65 -14.91
CA VAL B 48 -21.58 2.29 -15.30
C VAL B 48 -21.43 3.77 -15.75
N GLY B 49 -20.20 4.25 -15.97
CA GLY B 49 -19.98 5.61 -16.48
C GLY B 49 -19.81 6.76 -15.52
N PHE B 50 -19.74 6.50 -14.19
CA PHE B 50 -19.51 7.61 -13.24
C PHE B 50 -18.00 7.93 -13.17
N SER B 51 -17.62 9.05 -12.50
CA SER B 51 -16.20 9.39 -12.38
C SER B 51 -15.43 8.29 -11.65
N THR B 52 -14.13 8.19 -11.92
CA THR B 52 -13.30 7.17 -11.30
C THR B 52 -12.22 7.77 -10.40
N ASP B 53 -12.52 8.93 -9.82
CA ASP B 53 -11.61 9.65 -8.93
C ASP B 53 -11.92 9.42 -7.45
N GLY B 54 -12.80 8.46 -7.13
CA GLY B 54 -13.20 8.22 -5.76
C GLY B 54 -14.45 8.99 -5.36
N PHE B 55 -14.89 9.96 -6.21
CA PHE B 55 -16.06 10.78 -5.93
C PHE B 55 -17.34 10.30 -6.65
N ALA B 56 -17.22 9.36 -7.60
CA ALA B 56 -18.32 8.72 -8.36
C ALA B 56 -19.43 9.70 -8.76
N THR B 57 -19.04 10.77 -9.47
CA THR B 57 -19.95 11.83 -9.86
C THR B 57 -20.59 11.64 -11.26
N THR B 58 -21.71 12.31 -11.48
CA THR B 58 -22.36 12.41 -12.79
C THR B 58 -21.91 13.74 -13.47
N THR B 59 -22.18 13.94 -14.79
CA THR B 59 -21.85 15.21 -15.44
C THR B 59 -22.60 16.38 -14.76
N THR B 60 -23.83 16.12 -14.26
CA THR B 60 -24.69 17.06 -13.53
C THR B 60 -24.00 17.55 -12.25
N MET B 61 -23.47 16.61 -11.45
CA MET B 61 -22.74 16.96 -10.23
C MET B 61 -21.46 17.71 -10.60
N ARG B 62 -20.74 17.30 -11.66
CA ARG B 62 -19.49 17.95 -12.08
C ARG B 62 -19.65 19.43 -12.47
N LYS B 63 -20.73 19.76 -13.16
CA LYS B 63 -20.98 21.17 -13.52
C LYS B 63 -21.33 22.01 -12.28
N LEU B 64 -21.91 21.37 -11.23
CA LEU B 64 -22.25 22.03 -9.96
C LEU B 64 -21.12 21.99 -8.94
N HIS B 65 -19.96 21.35 -9.28
CA HIS B 65 -18.82 21.16 -8.41
C HIS B 65 -19.25 20.37 -7.15
N LEU B 66 -20.09 19.34 -7.32
CA LEU B 66 -20.54 18.50 -6.21
C LEU B 66 -19.82 17.15 -6.25
N ILE B 67 -19.46 16.64 -5.08
CA ILE B 67 -18.80 15.33 -4.95
C ILE B 67 -19.47 14.51 -3.83
N TRP B 68 -19.30 13.18 -3.88
CA TRP B 68 -19.72 12.32 -2.78
C TRP B 68 -18.50 12.13 -1.87
N VAL B 69 -18.68 12.24 -0.55
CA VAL B 69 -17.60 12.00 0.39
C VAL B 69 -18.04 11.05 1.51
N THR B 70 -17.10 10.25 2.02
CA THR B 70 -17.43 9.30 3.08
C THR B 70 -17.62 9.98 4.42
N ALA B 71 -18.72 9.68 5.09
CA ALA B 71 -19.03 10.18 6.42
C ALA B 71 -18.73 9.10 7.48
N ARG B 72 -18.92 7.82 7.14
CA ARG B 72 -18.67 6.72 8.06
C ARG B 72 -18.30 5.46 7.28
N MET B 73 -17.36 4.68 7.85
CA MET B 73 -16.99 3.36 7.32
C MET B 73 -17.19 2.36 8.50
N HIS B 74 -17.80 1.19 8.22
CA HIS B 74 -18.00 0.19 9.27
C HIS B 74 -17.62 -1.15 8.64
N ILE B 75 -16.64 -1.86 9.23
CA ILE B 75 -16.19 -3.14 8.71
C ILE B 75 -16.22 -4.21 9.80
N GLU B 76 -16.74 -5.41 9.47
N GLU B 76 -16.75 -5.41 9.47
N GLU B 76 -16.74 -5.41 9.47
CA GLU B 76 -16.73 -6.54 10.39
CA GLU B 76 -16.76 -6.53 10.40
CA GLU B 76 -16.73 -6.54 10.39
C GLU B 76 -16.06 -7.70 9.68
C GLU B 76 -16.08 -7.70 9.68
C GLU B 76 -16.06 -7.70 9.68
N ILE B 77 -14.98 -8.25 10.24
CA ILE B 77 -14.26 -9.37 9.63
C ILE B 77 -14.36 -10.59 10.51
N TYR B 78 -14.79 -11.73 9.92
CA TYR B 78 -14.89 -13.02 10.62
C TYR B 78 -13.57 -13.80 10.44
N LYS B 79 -12.97 -13.72 9.24
CA LYS B 79 -11.69 -14.38 8.95
C LYS B 79 -10.90 -13.52 7.97
N TYR B 80 -9.67 -13.14 8.30
CA TYR B 80 -8.82 -12.41 7.37
C TYR B 80 -8.21 -13.42 6.39
N PRO B 81 -8.20 -13.11 5.09
CA PRO B 81 -7.63 -14.06 4.12
C PRO B 81 -6.12 -14.16 4.24
N ALA B 82 -5.58 -15.37 4.08
CA ALA B 82 -4.15 -15.57 4.18
C ALA B 82 -3.46 -15.11 2.88
N TRP B 83 -2.15 -14.92 2.92
CA TRP B 83 -1.36 -14.62 1.75
C TRP B 83 -1.55 -15.72 0.68
N GLY B 84 -1.81 -15.31 -0.55
CA GLY B 84 -2.06 -16.26 -1.64
C GLY B 84 -3.51 -16.67 -1.80
N ASP B 85 -4.35 -16.40 -0.78
CA ASP B 85 -5.77 -16.76 -0.86
C ASP B 85 -6.50 -15.85 -1.86
N VAL B 86 -7.59 -16.35 -2.45
CA VAL B 86 -8.39 -15.55 -3.38
C VAL B 86 -9.66 -15.14 -2.62
N VAL B 87 -9.94 -13.83 -2.56
CA VAL B 87 -11.14 -13.31 -1.89
C VAL B 87 -12.06 -12.70 -2.94
N GLU B 88 -13.37 -12.99 -2.87
CA GLU B 88 -14.32 -12.41 -3.81
C GLU B 88 -15.12 -11.36 -3.08
N ILE B 89 -15.19 -10.13 -3.62
CA ILE B 89 -15.95 -9.08 -2.98
C ILE B 89 -17.10 -8.62 -3.88
N GLU B 90 -18.31 -8.58 -3.33
CA GLU B 90 -19.51 -8.09 -4.04
C GLU B 90 -19.89 -6.75 -3.40
N THR B 91 -20.24 -5.76 -4.22
CA THR B 91 -20.60 -4.45 -3.71
C THR B 91 -21.82 -3.89 -4.47
N TRP B 92 -22.56 -3.03 -3.77
CA TRP B 92 -23.72 -2.35 -4.36
C TRP B 92 -23.96 -1.07 -3.58
N CYS B 93 -24.75 -0.17 -4.19
N CYS B 93 -24.80 -0.21 -4.11
N CYS B 93 -24.74 -0.15 -4.19
CA CYS B 93 -25.09 1.14 -3.62
CA CYS B 93 -25.10 1.05 -3.45
CA CYS B 93 -25.09 1.15 -3.60
C CYS B 93 -26.59 1.30 -3.45
C CYS B 93 -26.60 1.29 -3.40
C CYS B 93 -26.60 1.29 -3.44
N GLN B 94 -27.03 2.21 -2.56
CA GLN B 94 -28.44 2.49 -2.39
C GLN B 94 -28.65 3.95 -1.96
N SER B 95 -29.68 4.63 -2.48
CA SER B 95 -30.00 5.99 -2.05
C SER B 95 -30.65 5.87 -0.66
N GLU B 96 -30.40 6.85 0.19
CA GLU B 96 -31.02 6.88 1.50
C GLU B 96 -31.76 8.23 1.56
N GLY B 97 -32.69 8.41 0.63
CA GLY B 97 -33.50 9.60 0.47
C GLY B 97 -32.70 10.79 0.00
N ARG B 98 -32.88 11.93 0.66
CA ARG B 98 -32.11 13.14 0.36
C ARG B 98 -30.91 13.33 1.28
N ILE B 99 -30.69 12.44 2.27
CA ILE B 99 -29.56 12.59 3.19
C ILE B 99 -28.26 12.24 2.48
N GLY B 100 -28.26 11.14 1.74
CA GLY B 100 -27.06 10.69 1.06
C GLY B 100 -27.20 9.29 0.48
N THR B 101 -26.08 8.61 0.32
CA THR B 101 -26.06 7.28 -0.26
C THR B 101 -25.29 6.32 0.64
N ARG B 102 -25.48 5.01 0.40
CA ARG B 102 -24.80 4.00 1.17
C ARG B 102 -24.11 3.04 0.18
N ARG B 103 -22.90 2.57 0.48
CA ARG B 103 -22.29 1.50 -0.32
C ARG B 103 -22.06 0.36 0.67
N ASP B 104 -22.47 -0.88 0.29
CA ASP B 104 -22.30 -2.08 1.09
C ASP B 104 -21.37 -3.06 0.38
N TRP B 105 -20.70 -3.93 1.16
CA TRP B 105 -19.84 -4.96 0.57
C TRP B 105 -19.99 -6.26 1.35
N ILE B 106 -19.79 -7.39 0.67
CA ILE B 106 -19.75 -8.70 1.25
C ILE B 106 -18.47 -9.37 0.75
N LEU B 107 -17.65 -9.90 1.66
N LEU B 107 -17.65 -9.91 1.66
N LEU B 107 -17.65 -9.90 1.66
CA LEU B 107 -16.41 -10.57 1.31
CA LEU B 107 -16.41 -10.57 1.32
CA LEU B 107 -16.41 -10.57 1.31
C LEU B 107 -16.59 -12.08 1.49
C LEU B 107 -16.58 -12.08 1.50
C LEU B 107 -16.59 -12.08 1.49
N LYS B 108 -16.10 -12.87 0.54
CA LYS B 108 -16.22 -14.33 0.61
C LYS B 108 -14.90 -14.99 0.28
N ASP B 109 -14.71 -16.18 0.83
CA ASP B 109 -13.56 -17.02 0.51
C ASP B 109 -13.96 -17.63 -0.84
N SER B 110 -13.16 -17.42 -1.89
CA SER B 110 -13.52 -17.91 -3.22
C SER B 110 -13.60 -19.44 -3.32
N VAL B 111 -12.77 -20.14 -2.56
CA VAL B 111 -12.76 -21.60 -2.58
C VAL B 111 -13.99 -22.20 -1.86
N THR B 112 -14.29 -21.74 -0.64
CA THR B 112 -15.41 -22.32 0.11
C THR B 112 -16.77 -21.66 -0.14
N GLY B 113 -16.76 -20.42 -0.63
CA GLY B 113 -17.99 -19.65 -0.83
C GLY B 113 -18.54 -19.06 0.46
N GLU B 114 -17.83 -19.23 1.59
CA GLU B 114 -18.26 -18.77 2.91
C GLU B 114 -18.07 -17.27 3.08
N VAL B 115 -19.01 -16.60 3.74
CA VAL B 115 -18.87 -15.15 4.00
C VAL B 115 -17.79 -14.96 5.08
N THR B 116 -16.74 -14.22 4.77
CA THR B 116 -15.64 -13.97 5.71
C THR B 116 -15.62 -12.54 6.26
N GLY B 117 -16.43 -11.64 5.70
CA GLY B 117 -16.49 -10.26 6.16
C GLY B 117 -17.63 -9.48 5.53
N ARG B 118 -17.93 -8.31 6.07
CA ARG B 118 -18.96 -7.44 5.51
C ARG B 118 -18.65 -6.02 5.88
N ALA B 119 -19.13 -5.09 5.06
CA ALA B 119 -18.86 -3.68 5.32
C ALA B 119 -19.96 -2.78 4.78
N THR B 120 -20.06 -1.59 5.38
CA THR B 120 -21.05 -0.61 4.94
C THR B 120 -20.45 0.79 5.16
N SER B 121 -20.91 1.73 4.36
CA SER B 121 -20.42 3.10 4.45
C SER B 121 -21.51 4.10 4.12
N LYS B 122 -21.47 5.26 4.79
CA LYS B 122 -22.41 6.36 4.56
C LYS B 122 -21.66 7.46 3.80
N TRP B 123 -22.28 7.98 2.75
CA TRP B 123 -21.73 9.03 1.92
C TRP B 123 -22.68 10.22 1.88
N VAL B 124 -22.13 11.44 1.90
CA VAL B 124 -22.90 12.69 1.79
C VAL B 124 -22.42 13.46 0.56
N MET B 125 -23.27 14.35 0.05
CA MET B 125 -22.91 15.17 -1.10
C MET B 125 -22.40 16.51 -0.54
N MET B 126 -21.30 16.99 -1.11
CA MET B 126 -20.65 18.21 -0.65
C MET B 126 -20.17 19.03 -1.84
N ASN B 127 -20.18 20.39 -1.73
CA ASN B 127 -19.60 21.21 -2.79
C ASN B 127 -18.07 21.07 -2.58
N GLN B 128 -17.30 20.71 -3.61
CA GLN B 128 -15.86 20.45 -3.46
C GLN B 128 -15.00 21.66 -3.05
N ASP B 129 -15.52 22.87 -3.29
CA ASP B 129 -14.81 24.14 -3.03
C ASP B 129 -15.19 24.73 -1.67
N THR B 130 -16.51 24.90 -1.41
CA THR B 130 -16.94 25.45 -0.12
C THR B 130 -16.93 24.45 1.03
N ARG B 131 -16.90 23.14 0.69
CA ARG B 131 -16.98 22.05 1.65
C ARG B 131 -18.33 22.02 2.38
N ARG B 132 -19.37 22.68 1.84
CA ARG B 132 -20.67 22.70 2.49
C ARG B 132 -21.48 21.47 2.03
N LEU B 133 -22.08 20.77 2.99
CA LEU B 133 -22.93 19.62 2.68
C LEU B 133 -24.24 20.04 2.02
N GLN B 134 -24.83 19.17 1.20
CA GLN B 134 -26.08 19.47 0.53
C GLN B 134 -26.99 18.27 0.52
N LYS B 135 -28.30 18.50 0.61
CA LYS B 135 -29.25 17.40 0.48
C LYS B 135 -29.29 17.00 -1.01
N VAL B 136 -29.64 15.75 -1.29
CA VAL B 136 -29.65 15.23 -2.65
C VAL B 136 -30.93 15.64 -3.38
N SER B 137 -30.80 16.34 -4.51
CA SER B 137 -31.96 16.75 -5.30
C SER B 137 -32.57 15.56 -6.06
N ASP B 138 -33.82 15.71 -6.58
CA ASP B 138 -34.47 14.65 -7.37
C ASP B 138 -33.65 14.33 -8.61
N ASP B 139 -33.11 15.36 -9.29
CA ASP B 139 -32.35 15.12 -10.52
C ASP B 139 -31.15 14.19 -10.27
N VAL B 140 -30.37 14.46 -9.20
CA VAL B 140 -29.22 13.60 -8.89
C VAL B 140 -29.67 12.21 -8.45
N ARG B 141 -30.68 12.14 -7.56
CA ARG B 141 -31.22 10.87 -7.09
C ARG B 141 -31.69 9.97 -8.25
N ASP B 142 -32.41 10.55 -9.23
CA ASP B 142 -32.91 9.80 -10.38
C ASP B 142 -31.80 9.25 -11.24
N GLU B 143 -30.66 9.98 -11.35
CA GLU B 143 -29.52 9.48 -12.15
C GLU B 143 -28.94 8.22 -11.55
N TYR B 144 -28.90 8.12 -10.20
CA TYR B 144 -28.33 6.95 -9.52
C TYR B 144 -29.29 5.79 -9.31
N LEU B 145 -30.58 6.09 -9.18
CA LEU B 145 -31.58 5.06 -8.86
C LEU B 145 -31.63 3.86 -9.84
N VAL B 146 -31.44 4.09 -11.15
CA VAL B 146 -31.44 2.98 -12.13
C VAL B 146 -30.19 2.06 -12.03
N PHE B 147 -29.22 2.39 -11.18
CA PHE B 147 -28.02 1.60 -10.95
C PHE B 147 -28.01 0.90 -9.56
N CYS B 148 -29.09 1.05 -8.77
CA CYS B 148 -29.23 0.54 -7.41
C CYS B 148 -30.42 -0.40 -7.30
N PRO B 149 -30.38 -1.35 -6.35
CA PRO B 149 -31.58 -2.18 -6.11
C PRO B 149 -32.73 -1.32 -5.60
N GLN B 150 -33.97 -1.59 -6.06
CA GLN B 150 -35.10 -0.74 -5.64
C GLN B 150 -35.67 -1.21 -4.28
N GLU B 151 -35.61 -2.51 -3.98
CA GLU B 151 -36.00 -3.02 -2.66
C GLU B 151 -34.73 -3.00 -1.75
N PRO B 152 -34.85 -2.71 -0.45
CA PRO B 152 -33.63 -2.64 0.39
C PRO B 152 -32.81 -3.91 0.36
N ARG B 153 -31.48 -3.75 0.28
CA ARG B 153 -30.56 -4.85 0.31
C ARG B 153 -29.45 -4.36 1.27
N LEU B 154 -29.36 -4.98 2.46
CA LEU B 154 -28.43 -4.51 3.48
C LEU B 154 -27.38 -5.53 3.86
N ALA B 155 -26.10 -5.09 3.95
CA ALA B 155 -25.06 -5.98 4.46
C ALA B 155 -25.27 -6.16 5.98
N PHE B 156 -25.83 -5.15 6.68
CA PHE B 156 -26.14 -5.16 8.12
C PHE B 156 -27.64 -4.90 8.25
N PRO B 157 -28.46 -5.92 8.03
CA PRO B 157 -29.92 -5.70 7.97
C PRO B 157 -30.64 -5.28 9.26
N GLU B 158 -30.24 -5.84 10.40
CA GLU B 158 -30.84 -5.62 11.71
C GLU B 158 -31.14 -4.14 12.11
N GLU B 159 -32.32 -3.87 12.71
CA GLU B 159 -32.65 -2.53 13.25
C GLU B 159 -31.70 -2.29 14.44
N ASN B 160 -31.15 -1.08 14.56
CA ASN B 160 -30.23 -0.72 15.64
C ASN B 160 -28.96 -1.61 15.72
N ASN B 161 -28.28 -1.83 14.59
CA ASN B 161 -27.03 -2.59 14.57
C ASN B 161 -25.82 -1.64 14.82
N ARG B 162 -24.61 -2.18 15.03
CA ARG B 162 -23.39 -1.40 15.33
C ARG B 162 -23.09 -0.29 14.31
N SER B 163 -23.31 -0.56 13.02
CA SER B 163 -23.01 0.41 11.95
C SER B 163 -23.80 1.70 12.05
N LEU B 164 -24.90 1.72 12.82
CA LEU B 164 -25.74 2.92 12.95
C LEU B 164 -25.66 3.62 14.30
N LYS B 165 -24.82 3.10 15.23
CA LYS B 165 -24.74 3.69 16.56
C LYS B 165 -23.95 4.99 16.60
N LYS B 166 -24.38 5.93 17.44
CA LYS B 166 -23.70 7.21 17.62
C LYS B 166 -22.38 6.93 18.39
N ILE B 167 -21.28 7.63 18.05
CA ILE B 167 -19.99 7.41 18.74
C ILE B 167 -19.68 8.62 19.65
N PRO B 168 -19.41 8.40 20.95
CA PRO B 168 -19.12 9.52 21.85
C PRO B 168 -17.72 10.12 21.64
N LYS B 169 -17.49 11.32 22.18
CA LYS B 169 -16.19 11.97 22.01
C LYS B 169 -15.29 11.62 23.18
N LEU B 170 -14.12 11.02 22.91
CA LEU B 170 -13.14 10.65 23.94
C LEU B 170 -12.77 11.90 24.79
N GLU B 171 -12.73 11.75 26.12
CA GLU B 171 -12.38 12.87 26.99
C GLU B 171 -10.95 12.73 27.54
N ASP B 172 -10.18 13.83 27.56
CA ASP B 172 -8.80 13.78 28.08
C ASP B 172 -8.82 13.49 29.59
N PRO B 173 -7.82 12.76 30.13
CA PRO B 173 -6.66 12.22 29.41
C PRO B 173 -6.96 10.87 28.74
N ALA B 174 -6.43 10.66 27.54
CA ALA B 174 -6.58 9.38 26.84
C ALA B 174 -5.73 8.33 27.57
N GLN B 175 -6.13 7.04 27.51
CA GLN B 175 -5.32 5.99 28.13
C GLN B 175 -4.03 5.77 27.34
N TYR B 176 -4.13 5.81 25.99
CA TYR B 176 -3.01 5.58 25.07
C TYR B 176 -2.98 6.66 23.97
N SER B 177 -1.78 6.96 23.43
CA SER B 177 -1.69 7.93 22.36
C SER B 177 -0.47 7.71 21.48
N MET B 178 -0.56 8.15 20.22
CA MET B 178 0.55 8.17 19.26
C MET B 178 0.47 9.60 18.67
N ILE B 179 1.50 10.41 18.86
CA ILE B 179 1.45 11.82 18.46
C ILE B 179 2.29 12.14 17.22
N GLY B 180 1.96 13.25 16.57
CA GLY B 180 2.74 13.74 15.45
C GLY B 180 2.72 12.91 14.19
N LEU B 181 1.62 12.19 13.94
CA LEU B 181 1.47 11.39 12.75
C LEU B 181 1.27 12.30 11.53
N LYS B 182 2.02 12.03 10.44
CA LYS B 182 1.87 12.87 9.25
C LYS B 182 1.94 12.06 7.97
N PRO B 183 1.11 12.44 7.00
CA PRO B 183 1.07 11.67 5.76
C PRO B 183 2.31 11.89 4.91
N ARG B 184 2.63 10.88 4.07
CA ARG B 184 3.67 11.02 3.06
C ARG B 184 2.95 10.90 1.67
N ARG B 185 3.67 11.07 0.54
CA ARG B 185 3.00 11.03 -0.77
C ARG B 185 2.24 9.74 -1.04
N ALA B 186 2.75 8.62 -0.52
CA ALA B 186 2.08 7.31 -0.69
C ALA B 186 0.70 7.29 -0.04
N ASP B 187 0.45 8.16 0.95
CA ASP B 187 -0.84 8.24 1.62
C ASP B 187 -1.85 9.07 0.82
N LEU B 188 -1.43 9.73 -0.27
CA LEU B 188 -2.35 10.57 -1.04
C LEU B 188 -2.98 9.81 -2.21
N ASP B 189 -4.15 10.27 -2.65
CA ASP B 189 -4.82 9.71 -3.82
C ASP B 189 -4.43 10.53 -5.08
N MET B 190 -5.05 10.21 -6.23
CA MET B 190 -4.76 10.91 -7.47
C MET B 190 -5.12 12.41 -7.40
N ASN B 191 -6.04 12.80 -6.49
CA ASN B 191 -6.45 14.20 -6.33
C ASN B 191 -5.59 14.96 -5.28
N GLN B 192 -4.53 14.31 -4.76
CA GLN B 192 -3.65 14.87 -3.71
C GLN B 192 -4.39 15.07 -2.38
N HIS B 193 -5.39 14.24 -2.11
CA HIS B 193 -6.11 14.22 -0.84
C HIS B 193 -5.66 12.98 -0.07
N VAL B 194 -5.66 13.02 1.31
CA VAL B 194 -5.25 11.85 2.07
C VAL B 194 -6.28 10.73 1.83
N ASN B 195 -5.80 9.54 1.46
CA ASN B 195 -6.67 8.38 1.24
C ASN B 195 -7.45 8.03 2.52
N ASN B 196 -8.75 7.73 2.40
CA ASN B 196 -9.58 7.36 3.55
C ASN B 196 -8.98 6.24 4.41
N VAL B 197 -8.26 5.30 3.79
CA VAL B 197 -7.68 4.18 4.53
C VAL B 197 -6.54 4.62 5.45
N THR B 198 -5.83 5.70 5.11
CA THR B 198 -4.74 6.18 5.98
C THR B 198 -5.28 6.54 7.39
N TYR B 199 -6.51 7.10 7.45
CA TYR B 199 -7.12 7.44 8.75
C TYR B 199 -7.37 6.18 9.60
N ILE B 200 -7.74 5.04 8.96
CA ILE B 200 -7.89 3.77 9.69
C ILE B 200 -6.53 3.38 10.32
N GLY B 201 -5.46 3.47 9.53
CA GLY B 201 -4.11 3.18 10.01
C GLY B 201 -3.74 4.06 11.18
N TRP B 202 -4.01 5.40 11.04
CA TRP B 202 -3.71 6.32 12.16
C TRP B 202 -4.50 6.00 13.43
N VAL B 203 -5.80 5.64 13.30
CA VAL B 203 -6.61 5.26 14.48
C VAL B 203 -5.94 4.07 15.20
N LEU B 204 -5.55 3.04 14.39
CA LEU B 204 -4.96 1.82 14.95
C LEU B 204 -3.57 2.04 15.59
N GLU B 205 -2.84 3.08 15.20
CA GLU B 205 -1.51 3.34 15.75
C GLU B 205 -1.48 3.46 17.28
N SER B 206 -2.56 3.98 17.90
CA SER B 206 -2.54 4.15 19.36
C SER B 206 -3.04 2.92 20.14
N ILE B 207 -3.31 1.80 19.44
CA ILE B 207 -3.69 0.54 20.13
C ILE B 207 -2.34 -0.05 20.54
N PRO B 208 -2.17 -0.45 21.81
CA PRO B 208 -0.86 -1.02 22.21
C PRO B 208 -0.52 -2.28 21.40
N GLN B 209 0.77 -2.45 21.09
CA GLN B 209 1.26 -3.59 20.33
C GLN B 209 0.86 -4.94 20.95
N GLU B 210 0.78 -5.02 22.31
CA GLU B 210 0.39 -6.29 22.99
C GLU B 210 -1.03 -6.69 22.67
N ILE B 211 -1.94 -5.72 22.46
CA ILE B 211 -3.31 -6.05 22.03
C ILE B 211 -3.25 -6.63 20.63
N VAL B 212 -2.53 -5.96 19.71
CA VAL B 212 -2.42 -6.43 18.32
C VAL B 212 -1.81 -7.84 18.24
N ASP B 213 -0.81 -8.12 19.07
CA ASP B 213 -0.15 -9.43 19.10
C ASP B 213 -1.01 -10.57 19.69
N THR B 214 -1.98 -10.25 20.55
CA THR B 214 -2.78 -11.29 21.22
C THR B 214 -4.26 -11.31 20.80
N HIS B 215 -4.69 -10.33 20.02
CA HIS B 215 -6.09 -10.24 19.61
C HIS B 215 -6.20 -10.07 18.11
N GLU B 216 -7.41 -10.30 17.60
CA GLU B 216 -7.74 -10.05 16.21
C GLU B 216 -8.83 -8.98 16.18
N LEU B 217 -8.68 -8.00 15.31
CA LEU B 217 -9.68 -6.96 15.14
C LEU B 217 -10.92 -7.56 14.49
N GLN B 218 -12.08 -7.45 15.17
CA GLN B 218 -13.33 -7.97 14.66
C GLN B 218 -14.19 -6.89 14.01
N VAL B 219 -14.32 -5.73 14.65
CA VAL B 219 -15.19 -4.67 14.12
C VAL B 219 -14.52 -3.30 14.27
N ILE B 220 -14.62 -2.47 13.23
CA ILE B 220 -14.15 -1.09 13.31
C ILE B 220 -15.26 -0.19 12.75
N THR B 221 -15.63 0.89 13.47
CA THR B 221 -16.58 1.89 12.99
C THR B 221 -15.82 3.21 13.08
N LEU B 222 -15.75 3.95 11.97
CA LEU B 222 -15.01 5.22 11.93
C LEU B 222 -15.85 6.32 11.30
N ASP B 223 -16.03 7.46 12.02
CA ASP B 223 -16.66 8.67 11.51
C ASP B 223 -15.55 9.57 10.92
N TYR B 224 -15.84 10.22 9.80
CA TYR B 224 -14.95 11.16 9.12
C TYR B 224 -15.61 12.53 9.30
N ARG B 225 -14.97 13.43 10.04
CA ARG B 225 -15.57 14.75 10.34
C ARG B 225 -14.90 15.90 9.59
N ARG B 226 -13.58 15.78 9.37
CA ARG B 226 -12.80 16.83 8.72
C ARG B 226 -11.58 16.16 8.08
N GLU B 227 -11.10 16.70 6.97
CA GLU B 227 -9.93 16.14 6.33
C GLU B 227 -8.65 16.61 6.97
N CYS B 228 -7.60 15.76 6.89
CA CYS B 228 -6.25 16.16 7.26
C CYS B 228 -5.75 16.87 5.97
N GLN B 229 -5.51 18.18 6.04
CA GLN B 229 -5.10 19.03 4.92
C GLN B 229 -3.58 19.28 4.87
N GLN B 230 -3.09 19.94 3.81
CA GLN B 230 -1.68 20.25 3.59
C GLN B 230 -0.98 20.76 4.85
N ASP B 231 0.11 20.07 5.23
CA ASP B 231 0.95 20.39 6.37
C ASP B 231 0.30 20.09 7.73
N ASP B 232 -0.86 19.41 7.76
CA ASP B 232 -1.49 19.05 9.04
C ASP B 232 -0.74 17.87 9.67
N VAL B 233 -0.77 17.80 11.00
CA VAL B 233 -0.15 16.75 11.81
C VAL B 233 -1.24 16.25 12.77
N VAL B 234 -1.32 14.93 12.97
CA VAL B 234 -2.41 14.29 13.70
C VAL B 234 -1.96 13.55 14.96
N ASP B 235 -2.78 13.62 16.04
CA ASP B 235 -2.55 12.83 17.25
C ASP B 235 -3.66 11.78 17.26
N SER B 236 -3.30 10.53 17.56
CA SER B 236 -4.20 9.39 17.64
C SER B 236 -4.37 9.03 19.15
N LEU B 237 -5.60 9.08 19.68
CA LEU B 237 -5.91 8.85 21.08
C LEU B 237 -6.83 7.61 21.20
N THR B 238 -6.59 6.77 22.22
CA THR B 238 -7.37 5.56 22.45
C THR B 238 -7.58 5.34 23.95
N THR B 239 -8.80 4.92 24.34
CA THR B 239 -9.13 4.57 25.72
C THR B 239 -9.93 3.28 25.69
N THR B 240 -9.59 2.32 26.57
CA THR B 240 -10.32 1.06 26.64
C THR B 240 -11.70 1.33 27.22
N THR B 241 -12.76 0.78 26.64
CA THR B 241 -14.11 0.95 27.21
C THR B 241 -14.69 -0.34 27.78
N SER B 242 -14.07 -1.50 27.50
CA SER B 242 -14.55 -2.77 28.05
C SER B 242 -14.08 -3.00 29.50
N ASP B 260 -13.34 -10.37 25.09
CA ASP B 260 -13.34 -9.30 24.07
C ASP B 260 -12.85 -7.97 24.67
N SER B 261 -12.16 -7.16 23.87
CA SER B 261 -11.67 -5.84 24.30
C SER B 261 -12.31 -4.80 23.36
N GLN B 262 -12.79 -3.67 23.89
CA GLN B 262 -13.39 -2.62 23.08
C GLN B 262 -12.65 -1.33 23.38
N PHE B 263 -12.51 -0.48 22.38
CA PHE B 263 -11.81 0.81 22.51
C PHE B 263 -12.61 1.95 21.91
N LEU B 264 -12.37 3.16 22.42
CA LEU B 264 -12.92 4.40 21.90
C LEU B 264 -11.72 5.18 21.30
N HIS B 265 -11.89 5.76 20.12
CA HIS B 265 -10.81 6.40 19.39
C HIS B 265 -11.11 7.84 19.03
N LEU B 266 -10.06 8.65 18.96
CA LEU B 266 -10.19 10.03 18.53
C LEU B 266 -8.91 10.43 17.79
N LEU B 267 -9.06 10.97 16.57
CA LEU B 267 -7.95 11.60 15.83
C LEU B 267 -8.23 13.09 15.86
N ARG B 268 -7.23 13.88 16.20
CA ARG B 268 -7.39 15.33 16.19
C ARG B 268 -6.09 15.99 15.72
N LEU B 269 -6.17 17.22 15.27
CA LEU B 269 -4.97 17.95 14.81
C LEU B 269 -4.04 18.21 16.00
N SER B 270 -2.75 18.01 15.80
CA SER B 270 -1.71 18.11 16.85
C SER B 270 -1.66 19.46 17.53
N GLY B 271 -1.94 20.51 16.76
CA GLY B 271 -1.88 21.86 17.31
C GLY B 271 -3.09 22.25 18.13
N ASP B 272 -4.13 22.70 17.44
CA ASP B 272 -5.32 23.21 18.11
C ASP B 272 -6.30 22.16 18.64
N GLY B 273 -6.08 20.89 18.31
CA GLY B 273 -6.97 19.83 18.79
C GLY B 273 -8.28 19.69 18.03
N GLN B 274 -8.38 20.27 16.84
CA GLN B 274 -9.58 20.12 15.99
C GLN B 274 -9.85 18.64 15.67
N GLU B 275 -11.08 18.14 15.91
CA GLU B 275 -11.39 16.74 15.62
C GLU B 275 -11.37 16.46 14.12
N ILE B 276 -10.75 15.33 13.71
CA ILE B 276 -10.82 14.95 12.31
C ILE B 276 -11.62 13.61 12.17
N ASN B 277 -11.50 12.71 13.15
CA ASN B 277 -12.23 11.43 13.16
C ASN B 277 -12.55 10.97 14.59
N ARG B 278 -13.58 10.15 14.73
CA ARG B 278 -13.83 9.42 15.98
C ARG B 278 -14.24 8.00 15.58
N GLY B 279 -13.96 7.04 16.44
CA GLY B 279 -14.34 5.66 16.11
C GLY B 279 -14.33 4.70 17.28
N THR B 280 -14.71 3.46 17.03
CA THR B 280 -14.67 2.41 18.04
C THR B 280 -14.13 1.13 17.37
N THR B 281 -13.43 0.29 18.15
CA THR B 281 -12.95 -1.01 17.66
C THR B 281 -13.33 -2.11 18.67
N LEU B 282 -13.59 -3.32 18.17
CA LEU B 282 -13.90 -4.48 19.01
C LEU B 282 -12.91 -5.58 18.61
N TRP B 283 -12.19 -6.14 19.58
CA TRP B 283 -11.15 -7.16 19.35
C TRP B 283 -11.47 -8.45 20.07
N ARG B 284 -11.16 -9.60 19.43
CA ARG B 284 -11.38 -10.92 20.02
C ARG B 284 -10.01 -11.52 20.41
N LYS B 285 -9.89 -12.14 21.60
CA LYS B 285 -8.64 -12.80 22.00
C LYS B 285 -8.36 -13.97 21.04
N LYS B 286 -7.12 -14.11 20.54
CA LYS B 286 -6.77 -15.18 19.61
C LYS B 286 -6.97 -16.57 20.21
N1 A1ANC C . 25.60 -9.26 -5.26
C4 A1ANC C . 29.08 -5.37 -2.96
C5 A1ANC C . 28.05 -6.31 -3.54
C6 A1ANC C . 27.00 -6.88 -2.82
C7 A1ANC C . 26.17 -7.82 -3.39
C8 A1ANC C . 26.39 -8.28 -4.69
C10 A1ANC C . 28.29 -6.81 -4.82
N A1ANC C . 28.80 -4.59 -1.90
C A1ANC C . 27.26 -4.61 0.06
O A1ANC C . 30.21 -5.39 -3.44
C1 A1ANC C . 27.43 -4.33 -1.41
C2 A1ANC C . 29.87 -3.90 -1.17
C3 A1ANC C . 30.38 -2.67 -1.88
C9 A1ANC C . 27.50 -7.79 -5.38
N1 A1ANC D . 24.91 -1.14 0.70
C4 A1ANC D . 28.32 0.23 -3.64
C5 A1ANC D . 27.42 -0.19 -2.51
C6 A1ANC D . 26.10 -0.58 -2.73
C7 A1ANC D . 25.28 -0.90 -1.67
C8 A1ANC D . 25.73 -0.79 -0.36
C10 A1ANC D . 27.86 -0.06 -1.19
N A1ANC D . 28.33 -0.48 -4.78
C A1ANC D . 26.86 -2.14 -5.94
O A1ANC D . 28.97 1.25 -3.50
C1 A1ANC D . 27.88 -1.87 -4.86
C2 A1ANC D . 28.91 0.10 -6.01
C3 A1ANC D . 30.40 -0.10 -6.08
C9 A1ANC D . 27.04 -0.36 -0.13
N1 A1ANC E . 14.89 -19.52 -8.12
C4 A1ANC E . 15.90 -15.39 -4.36
C5 A1ANC E . 15.69 -16.56 -5.28
C6 A1ANC E . 16.72 -17.23 -5.91
C7 A1ANC E . 16.45 -18.28 -6.77
C8 A1ANC E . 15.15 -18.53 -7.20
C10 A1ANC E . 14.38 -16.91 -5.59
N A1ANC E . 17.02 -15.28 -3.63
C A1ANC E . 19.23 -16.43 -3.68
O A1ANC E . 15.04 -14.51 -4.36
C1 A1ANC E . 17.80 -16.43 -3.18
C2 A1ANC E . 17.48 -13.96 -3.14
C3 A1ANC E . 17.96 -13.07 -4.26
C9 A1ANC E . 14.11 -17.89 -6.52
N1 A1ANC F . 10.99 -2.82 12.96
C4 A1ANC F . 8.17 1.68 14.94
C5 A1ANC F . 8.85 0.47 14.39
C6 A1ANC F . 8.37 -0.82 14.59
C7 A1ANC F . 9.07 -1.92 14.12
C8 A1ANC F . 10.27 -1.74 13.41
C10 A1ANC F . 10.05 0.63 13.71
N A1ANC F . 6.85 1.87 14.74
C A1ANC F . 4.92 0.36 14.30
O A1ANC F . 8.85 2.49 15.59
C1 A1ANC F . 6.10 1.10 13.74
C2 A1ANC F . 6.12 2.95 15.43
C3 A1ANC F . 6.12 2.82 16.93
C9 A1ANC F . 10.74 -0.45 13.23
S SO4 G . 6.52 8.86 -8.69
O1 SO4 G . 7.54 9.81 -8.18
O2 SO4 G . 7.04 8.19 -9.88
O3 SO4 G . 6.22 7.87 -7.66
O4 SO4 G . 5.34 9.72 -8.97
S SO4 H . 14.64 -25.96 -2.66
O1 SO4 H . 14.37 -25.05 -3.78
O2 SO4 H . 15.29 -27.18 -3.14
O3 SO4 H . 15.52 -25.30 -1.67
O4 SO4 H . 13.36 -26.27 -1.99
N1 A1ANC I . -26.31 8.08 3.85
C4 A1ANC I . -26.34 11.10 8.69
C5 A1ANC I . -26.20 10.26 7.43
C6 A1ANC I . -25.36 10.59 6.38
C7 A1ANC I . -25.37 9.86 5.21
C8 A1ANC I . -26.27 8.80 5.02
C10 A1ANC I . -27.13 9.25 7.24
N A1ANC I . -25.31 11.82 9.17
C A1ANC I . -25.82 12.31 11.55
O A1ANC I . -27.46 11.17 9.19
C1 A1ANC I . -25.53 12.87 10.17
C2 A1ANC I . -23.91 11.59 8.78
C3 A1ANC I . -23.21 12.86 8.30
C9 A1ANC I . -27.17 8.53 6.05
N1 A1ANC J . -19.48 11.96 10.08
C4 A1ANC J . -23.56 9.51 13.18
C5 A1ANC J . -22.53 10.15 12.30
C6 A1ANC J . -22.23 11.50 12.47
C7 A1ANC J . -21.25 12.11 11.72
C8 A1ANC J . -20.47 11.36 10.83
C10 A1ANC J . -21.72 9.40 11.47
N A1ANC J . -24.60 8.85 12.63
C A1ANC J . -24.75 6.92 11.04
O A1ANC J . -23.46 9.68 14.40
C1 A1ANC J . -24.58 8.42 11.22
C2 A1ANC J . -25.87 8.69 13.35
C3 A1ANC J . -25.79 7.77 14.54
C9 A1ANC J . -20.74 9.99 10.71
N1 A1ANC K . -23.88 2.05 -9.80
C4 A1ANC K . -21.18 5.35 -6.04
C5 A1ANC K . -21.93 4.57 -7.08
C6 A1ANC K . -23.32 4.48 -7.10
C7 A1ANC K . -23.96 3.71 -8.06
C8 A1ANC K . -23.23 2.86 -8.89
C10 A1ANC K . -21.21 3.80 -7.98
N A1ANC K . -21.68 6.49 -5.51
C A1ANC K . -23.95 7.53 -5.52
O A1ANC K . -20.12 4.87 -5.63
C1 A1ANC K . -22.63 7.34 -6.23
C2 A1ANC K . -21.18 7.00 -4.22
C3 A1ANC K . -21.63 6.19 -3.04
C9 A1ANC K . -21.84 2.98 -8.90
N1 A1ANC L . -3.95 16.83 1.13
C4 A1ANC L . 1.13 16.79 3.66
C5 A1ANC L . -0.18 16.72 2.94
C6 A1ANC L . -1.34 16.66 3.70
C7 A1ANC L . -2.57 16.66 3.10
C8 A1ANC L . -2.70 16.82 1.72
C10 A1ANC L . -0.29 16.94 1.56
N A1ANC L . 2.17 16.02 3.26
C A1ANC L . 4.17 17.48 3.52
O A1ANC L . 1.23 17.55 4.63
C1 A1ANC L . 3.50 16.18 3.87
C2 A1ANC L . 2.00 14.88 2.35
C3 A1ANC L . 2.78 15.02 1.06
C9 A1ANC L . -1.53 16.98 0.97
S SO4 M . -5.08 -5.82 11.58
O1 SO4 M . -4.74 -4.93 10.46
O2 SO4 M . -3.93 -6.65 11.97
O3 SO4 M . -5.34 -4.99 12.77
O4 SO4 M . -6.29 -6.59 11.27
S SO4 N . -24.13 7.77 -16.18
O1 SO4 N . -24.20 9.13 -15.63
O2 SO4 N . -22.95 7.65 -17.05
O3 SO4 N . -24.03 6.79 -15.08
O4 SO4 N . -25.36 7.53 -16.94
#